data_2M1V
#
_entry.id   2M1V
#
loop_
_entity.id
_entity.type
_entity.pdbx_description
1 polymer 'RNA (29-MER)'
2 polymer "DNA_(5'-D(*CP*AP*GP*TP*GP*TP*C)-3')_"
#
loop_
_entity_poly.entity_id
_entity_poly.type
_entity_poly.pdbx_seq_one_letter_code
_entity_poly.pdbx_strand_id
1 'polyribonucleotide' GGAGUAUGUAUUGGCACUGAGCAUACUCC A
2 'polydeoxyribonucleotide' (DC)(DA)(DG)(DT)(DG)(DT)(DC) B
#
loop_
_chem_comp.id
_chem_comp.type
_chem_comp.name
_chem_comp.formula
A RNA linking ADENOSINE-5'-MONOPHOSPHATE 'C10 H14 N5 O7 P'
C RNA linking CYTIDINE-5'-MONOPHOSPHATE 'C9 H14 N3 O8 P'
DA DNA linking 2'-DEOXYADENOSINE-5'-MONOPHOSPHATE 'C10 H14 N5 O6 P'
DC DNA linking 2'-DEOXYCYTIDINE-5'-MONOPHOSPHATE 'C9 H14 N3 O7 P'
DG DNA linking 2'-DEOXYGUANOSINE-5'-MONOPHOSPHATE 'C10 H14 N5 O7 P'
DT DNA linking THYMIDINE-5'-MONOPHOSPHATE 'C10 H15 N2 O8 P'
G RNA linking GUANOSINE-5'-MONOPHOSPHATE 'C10 H14 N5 O8 P'
U RNA linking URIDINE-5'-MONOPHOSPHATE 'C9 H13 N2 O9 P'
#